data_8U7C
#
_entry.id   8U7C
#
_cell.length_a   37.514
_cell.length_b   40.892
_cell.length_c   50.150
_cell.angle_alpha   92.620
_cell.angle_beta   106.140
_cell.angle_gamma   98.870
#
_symmetry.space_group_name_H-M   'P 1'
#
loop_
_entity.id
_entity.type
_entity.pdbx_description
1 polymer 'Engineered NEMO minimal IKK-binding domain'
2 non-polymer 'TERBIUM(III) ION'
3 non-polymer pentane-1,5-diol
4 non-polymer 2-[BIS-(2-HYDROXY-ETHYL)-AMINO]-2-HYDROXYMETHYL-PROPANE-1,3-DIOL
5 non-polymer PROLINE
6 non-polymer 'YTTRIUM (III) ION'
7 non-polymer 'TETRAETHYLENE GLYCOL'
8 non-polymer 'ERBIUM (III) ION'
9 water water
#
_entity_poly.entity_id   1
_entity_poly.type   'polypeptide(L)'
_entity_poly.pdbx_seq_one_letter_code
;GSWELQRCREENQELRDAIRQSNQILREVSERLLHFQASQREEKEFL(MSE)AKFQEARKLVEELGLVKLE
;
_entity_poly.pdbx_strand_id   A,B,C,D
#
loop_
_chem_comp.id
_chem_comp.type
_chem_comp.name
_chem_comp.formula
9JE non-polymer pentane-1,5-diol 'C5 H12 O2'
BTB non-polymer 2-[BIS-(2-HYDROXY-ETHYL)-AMINO]-2-HYDROXYMETHYL-PROPANE-1,3-DIOL 'C8 H19 N O5'
ER3 non-polymer 'ERBIUM (III) ION' 'Er 3'
PG4 non-polymer 'TETRAETHYLENE GLYCOL' 'C8 H18 O5'
TB non-polymer 'TERBIUM(III) ION' 'Tb 3'
YT3 non-polymer 'YTTRIUM (III) ION' 'Y 3'
#
# COMPACT_ATOMS: atom_id res chain seq x y z
N SER A 2 16.67 18.42 -51.53
CA SER A 2 18.12 18.59 -51.23
C SER A 2 18.34 18.69 -49.69
N TRP A 3 17.38 19.24 -48.94
CA TRP A 3 17.55 19.27 -47.47
C TRP A 3 16.56 18.29 -46.82
N GLU A 4 15.87 17.49 -47.64
CA GLU A 4 14.86 16.55 -47.12
C GLU A 4 15.54 15.50 -46.21
N LEU A 5 16.66 14.98 -46.66
CA LEU A 5 17.38 14.01 -45.80
C LEU A 5 17.90 14.68 -44.52
N GLN A 6 18.46 15.86 -44.64
CA GLN A 6 18.92 16.53 -43.43
C GLN A 6 17.76 16.78 -42.46
N ARG A 7 16.60 17.17 -42.98
CA ARG A 7 15.40 17.36 -42.12
C ARG A 7 15.05 16.04 -41.42
N CYS A 8 15.02 14.98 -42.20
N CYS A 8 15.10 14.92 -42.19
CA CYS A 8 14.67 13.69 -41.62
CA CYS A 8 14.73 13.63 -41.63
C CYS A 8 15.67 13.28 -40.55
C CYS A 8 15.72 13.20 -40.54
N ARG A 9 17.00 13.47 -40.79
CA ARG A 9 18.03 13.16 -39.79
C ARG A 9 17.84 13.99 -38.53
N GLU A 10 17.49 15.28 -38.67
CA GLU A 10 17.26 16.10 -37.50
C GLU A 10 16.04 15.62 -36.71
N GLU A 11 14.96 15.27 -37.42
CA GLU A 11 13.79 14.68 -36.77
C GLU A 11 14.16 13.41 -36.02
N ASN A 12 14.96 12.55 -36.66
CA ASN A 12 15.41 11.30 -36.06
C ASN A 12 16.18 11.57 -34.78
N GLN A 13 17.06 12.55 -34.82
CA GLN A 13 17.86 12.86 -33.62
C GLN A 13 16.96 13.37 -32.49
N GLU A 14 16.01 14.24 -32.79
CA GLU A 14 15.06 14.75 -31.78
C GLU A 14 14.22 13.60 -31.20
N LEU A 15 13.78 12.69 -32.05
CA LEU A 15 13.01 11.55 -31.58
C LEU A 15 13.83 10.59 -30.73
N ARG A 16 15.03 10.29 -31.16
CA ARG A 16 15.92 9.41 -30.35
C ARG A 16 16.20 10.05 -28.99
N ASP A 17 16.38 11.35 -28.96
CA ASP A 17 16.68 12.04 -27.69
C ASP A 17 15.44 12.01 -26.78
N ALA A 18 14.27 12.18 -27.35
CA ALA A 18 13.04 12.09 -26.56
C ALA A 18 12.84 10.67 -26.01
N ILE A 19 13.12 9.67 -26.83
CA ILE A 19 13.04 8.30 -26.34
C ILE A 19 14.04 8.05 -25.22
N ARG A 20 15.25 8.46 -25.36
CA ARG A 20 16.29 8.29 -24.31
C ARG A 20 15.84 8.97 -23.02
N GLN A 21 15.33 10.23 -23.13
CA GLN A 21 14.92 10.91 -21.92
C GLN A 21 13.76 10.17 -21.25
N SER A 22 12.78 9.75 -22.04
CA SER A 22 11.67 8.98 -21.49
C SER A 22 12.15 7.70 -20.83
N ASN A 23 13.06 6.97 -21.49
CA ASN A 23 13.62 5.78 -20.88
C ASN A 23 14.29 6.11 -19.56
N GLN A 24 15.02 7.21 -19.50
CA GLN A 24 15.68 7.56 -18.24
C GLN A 24 14.66 7.77 -17.14
N ILE A 25 13.58 8.50 -17.48
CA ILE A 25 12.54 8.78 -16.50
C ILE A 25 11.93 7.46 -15.99
N LEU A 26 11.56 6.58 -16.92
CA LEU A 26 10.94 5.31 -16.52
C LEU A 26 11.90 4.40 -15.77
N ARG A 27 13.18 4.46 -16.10
CA ARG A 27 14.17 3.68 -15.35
C ARG A 27 14.21 4.20 -13.91
N GLU A 28 14.21 5.50 -13.74
CA GLU A 28 14.21 6.08 -12.39
C GLU A 28 12.99 5.64 -11.59
N VAL A 29 11.80 5.74 -12.21
CA VAL A 29 10.57 5.30 -11.54
C VAL A 29 10.67 3.84 -11.13
N SER A 30 11.04 2.98 -12.08
CA SER A 30 11.12 1.54 -11.82
C SER A 30 12.06 1.24 -10.67
N GLU A 31 13.28 1.79 -10.73
CA GLU A 31 14.27 1.50 -9.71
C GLU A 31 13.85 2.01 -8.34
N ARG A 32 13.23 3.18 -8.30
CA ARG A 32 12.74 3.68 -7.04
C ARG A 32 11.63 2.80 -6.48
N LEU A 33 10.76 2.29 -7.35
CA LEU A 33 9.67 1.44 -6.86
C LEU A 33 10.18 0.10 -6.35
N LEU A 34 11.21 -0.45 -7.01
CA LEU A 34 11.80 -1.70 -6.53
C LEU A 34 12.45 -1.51 -5.17
N HIS A 35 13.22 -0.42 -5.01
CA HIS A 35 13.83 -0.17 -3.70
C HIS A 35 12.74 0.06 -2.65
N PHE A 36 11.67 0.72 -3.05
CA PHE A 36 10.58 1.01 -2.12
C PHE A 36 9.91 -0.27 -1.66
N GLN A 37 9.70 -1.21 -2.57
CA GLN A 37 9.09 -2.51 -2.20
C GLN A 37 10.00 -3.23 -1.17
N ALA A 38 11.31 -3.17 -1.41
CA ALA A 38 12.20 -3.82 -0.44
C ALA A 38 12.09 -3.16 0.94
N SER A 39 12.10 -1.83 0.96
CA SER A 39 11.99 -1.10 2.23
CA SER A 39 12.00 -1.10 2.22
C SER A 39 10.67 -1.40 2.93
N GLN A 40 9.58 -1.46 2.17
CA GLN A 40 8.26 -1.74 2.72
C GLN A 40 8.18 -3.15 3.29
N ARG A 41 8.77 -4.12 2.59
CA ARG A 41 8.78 -5.49 3.13
C ARG A 41 9.40 -5.50 4.52
N GLU A 42 10.57 -4.87 4.62
CA GLU A 42 11.27 -4.81 5.91
C GLU A 42 10.42 -4.11 6.96
N GLU A 43 9.77 -3.01 6.59
CA GLU A 43 8.93 -2.27 7.52
C GLU A 43 7.69 -3.06 7.95
N LYS A 44 7.17 -3.89 7.08
CA LYS A 44 6.02 -4.73 7.42
C LYS A 44 6.36 -5.79 8.47
N GLU A 45 7.64 -6.08 8.65
CA GLU A 45 8.04 -7.06 9.69
C GLU A 45 7.59 -6.60 11.08
N PHE A 46 7.50 -5.30 11.29
CA PHE A 46 7.02 -4.80 12.58
C PHE A 46 5.54 -5.10 12.80
N LEU A 47 4.73 -5.03 11.74
CA LEU A 47 3.33 -5.46 11.86
C LEU A 47 3.25 -6.94 12.19
N MSE A 48 4.03 -7.73 11.46
CA MSE A 48 4.05 -9.18 11.77
C MSE A 48 4.39 -9.39 13.25
O MSE A 48 3.75 -10.23 13.88
CB MSE A 48 5.02 -9.93 10.83
CG MSE A 48 4.87 -9.61 9.34
SE MSE A 48 6.46 -10.09 8.25
CE MSE A 48 7.58 -11.31 9.30
N ALA A 49 5.31 -8.60 13.78
CA ALA A 49 5.69 -8.73 15.18
C ALA A 49 4.54 -8.37 16.12
N LYS A 50 3.75 -7.35 15.78
CA LYS A 50 2.58 -7.03 16.60
C LYS A 50 1.64 -8.22 16.69
N PHE A 51 1.40 -8.90 15.57
CA PHE A 51 0.46 -10.02 15.62
C PHE A 51 1.06 -11.25 16.30
N GLN A 52 2.36 -11.40 16.26
CA GLN A 52 2.96 -12.51 17.04
C GLN A 52 2.78 -12.22 18.53
N GLU A 53 2.93 -10.96 18.92
CA GLU A 53 2.70 -10.60 20.31
C GLU A 53 1.26 -10.88 20.73
N ALA A 54 0.29 -10.51 19.87
CA ALA A 54 -1.11 -10.80 20.15
C ALA A 54 -1.37 -12.30 20.31
N ARG A 55 -0.82 -13.11 19.41
CA ARG A 55 -0.95 -14.58 19.53
C ARG A 55 -0.43 -15.02 20.90
N LYS A 56 0.79 -14.60 21.26
CA LYS A 56 1.35 -15.01 22.54
C LYS A 56 0.44 -14.60 23.69
N LEU A 57 -0.29 -13.53 23.49
CA LEU A 57 -1.14 -13.05 24.60
C LEU A 57 -2.37 -13.96 24.69
N VAL A 58 -2.95 -14.26 23.55
CA VAL A 58 -4.19 -15.09 23.52
C VAL A 58 -3.83 -16.44 24.14
N GLU A 59 -2.58 -16.87 24.02
CA GLU A 59 -2.14 -18.17 24.59
C GLU A 59 -1.88 -18.05 26.10
N GLU A 60 -1.28 -16.97 26.57
CA GLU A 60 -0.95 -16.87 28.00
C GLU A 60 -2.21 -16.61 28.86
N LEU A 61 -3.35 -16.31 28.22
CA LEU A 61 -4.59 -16.00 28.97
C LEU A 61 -5.29 -17.29 29.40
N SER B 2 -14.13 -8.25 51.61
CA SER B 2 -14.11 -9.69 51.83
C SER B 2 -13.09 -10.40 50.93
N TRP B 3 -12.90 -11.66 51.25
CA TRP B 3 -12.05 -12.56 50.49
C TRP B 3 -12.51 -12.63 49.04
N GLU B 4 -13.80 -12.82 48.82
CA GLU B 4 -14.33 -12.98 47.44
C GLU B 4 -14.18 -11.66 46.67
N LEU B 5 -14.47 -10.55 47.34
CA LEU B 5 -14.34 -9.25 46.68
C LEU B 5 -12.89 -8.99 46.29
N GLN B 6 -11.96 -9.35 47.17
CA GLN B 6 -10.53 -9.13 46.87
C GLN B 6 -10.10 -9.97 45.68
N ARG B 7 -10.58 -11.22 45.62
CA ARG B 7 -10.20 -12.13 44.52
C ARG B 7 -10.74 -11.58 43.20
N CYS B 8 -12.00 -11.14 43.22
N CYS B 8 -12.01 -11.14 43.22
CA CYS B 8 -12.64 -10.62 41.98
CA CYS B 8 -12.64 -10.62 41.97
C CYS B 8 -11.90 -9.36 41.51
C CYS B 8 -11.92 -9.36 41.50
N ARG B 9 -11.53 -8.50 42.46
CA ARG B 9 -10.82 -7.26 42.09
C ARG B 9 -9.45 -7.59 41.50
N GLU B 10 -8.75 -8.57 42.07
CA GLU B 10 -7.43 -8.93 41.56
C GLU B 10 -7.54 -9.57 40.18
N GLU B 11 -8.52 -10.47 39.99
CA GLU B 11 -8.76 -11.00 38.65
C GLU B 11 -9.12 -9.89 37.66
N ASN B 12 -9.91 -8.93 38.12
CA ASN B 12 -10.32 -7.87 37.18
C ASN B 12 -9.10 -7.02 36.80
N GLN B 13 -8.16 -6.81 37.72
CA GLN B 13 -6.95 -6.10 37.35
C GLN B 13 -6.21 -6.84 36.23
N GLU B 14 -6.05 -8.16 36.37
CA GLU B 14 -5.39 -8.92 35.31
C GLU B 14 -6.13 -8.83 33.97
N LEU B 15 -7.46 -8.90 34.00
CA LEU B 15 -8.23 -8.84 32.76
C LEU B 15 -8.12 -7.46 32.11
N ARG B 16 -8.21 -6.43 32.92
CA ARG B 16 -8.00 -5.06 32.38
CA ARG B 16 -8.02 -5.06 32.37
C ARG B 16 -6.60 -4.86 31.72
N ASP B 17 -5.61 -5.46 32.40
CA ASP B 17 -4.25 -5.42 31.82
C ASP B 17 -4.20 -6.14 30.47
N ALA B 18 -4.89 -7.28 30.34
CA ALA B 18 -4.92 -7.97 29.05
C ALA B 18 -5.58 -7.10 27.98
N ILE B 19 -6.67 -6.41 28.36
CA ILE B 19 -7.38 -5.53 27.43
C ILE B 19 -6.51 -4.33 27.05
N ARG B 20 -5.82 -3.73 28.03
CA ARG B 20 -4.91 -2.63 27.72
C ARG B 20 -3.84 -3.07 26.74
N GLN B 21 -3.24 -4.23 26.96
CA GLN B 21 -2.22 -4.74 26.05
C GLN B 21 -2.77 -4.92 24.64
N SER B 22 -3.88 -5.64 24.49
CA SER B 22 -4.44 -5.90 23.17
C SER B 22 -4.85 -4.60 22.47
N ASN B 23 -5.45 -3.66 23.23
CA ASN B 23 -5.82 -2.36 22.65
C ASN B 23 -4.59 -1.58 22.20
N GLN B 24 -3.51 -1.60 22.99
CA GLN B 24 -2.27 -0.92 22.61
C GLN B 24 -1.64 -1.54 21.38
N ILE B 25 -1.68 -2.88 21.26
CA ILE B 25 -1.23 -3.52 20.02
C ILE B 25 -2.01 -2.98 18.83
N LEU B 26 -3.34 -2.90 18.92
CA LEU B 26 -4.17 -2.40 17.81
C LEU B 26 -3.85 -0.95 17.50
N ARG B 27 -3.59 -0.14 18.53
N ARG B 27 -3.59 -0.14 18.53
CA ARG B 27 -3.23 1.28 18.32
CA ARG B 27 -3.23 1.28 18.32
C ARG B 27 -1.89 1.38 17.58
C ARG B 27 -1.89 1.38 17.58
N GLU B 28 -0.93 0.50 17.91
CA GLU B 28 0.38 0.50 17.22
C GLU B 28 0.20 0.07 15.76
N VAL B 29 -0.64 -0.92 15.53
CA VAL B 29 -0.95 -1.30 14.15
C VAL B 29 -1.54 -0.11 13.40
N SER B 30 -2.54 0.55 13.99
CA SER B 30 -3.15 1.68 13.31
CA SER B 30 -3.15 1.68 13.31
C SER B 30 -2.13 2.76 12.99
N GLU B 31 -1.29 3.12 13.97
CA GLU B 31 -0.29 4.16 13.73
C GLU B 31 0.66 3.79 12.60
N ARG B 32 1.15 2.55 12.63
CA ARG B 32 2.04 2.09 11.58
C ARG B 32 1.37 2.09 10.21
N LEU B 33 0.07 1.74 10.15
CA LEU B 33 -0.66 1.83 8.89
C LEU B 33 -0.73 3.26 8.39
N LEU B 34 -0.78 4.23 9.30
CA LEU B 34 -0.75 5.63 8.85
C LEU B 34 0.62 6.00 8.28
N HIS B 35 1.69 5.43 8.85
CA HIS B 35 3.01 5.56 8.20
C HIS B 35 3.00 4.99 6.79
N PHE B 36 2.46 3.78 6.63
CA PHE B 36 2.44 3.16 5.30
C PHE B 36 1.64 4.01 4.32
N GLN B 37 0.58 4.60 4.80
CA GLN B 37 -0.29 5.41 3.91
C GLN B 37 0.47 6.65 3.44
N ALA B 38 1.19 7.25 4.35
CA ALA B 38 1.96 8.44 3.98
C ALA B 38 3.05 8.10 2.96
N SER B 39 3.79 7.02 3.22
CA SER B 39 4.84 6.58 2.30
C SER B 39 4.28 6.29 0.92
N GLN B 40 3.15 5.62 0.88
CA GLN B 40 2.57 5.23 -0.42
C GLN B 40 2.07 6.47 -1.16
N ARG B 41 1.50 7.43 -0.46
CA ARG B 41 1.05 8.69 -1.10
C ARG B 41 2.26 9.38 -1.71
N GLU B 42 3.36 9.44 -0.99
CA GLU B 42 4.54 10.10 -1.57
C GLU B 42 5.03 9.39 -2.82
N GLU B 43 5.07 8.05 -2.80
CA GLU B 43 5.51 7.34 -4.01
C GLU B 43 4.52 7.53 -5.16
N LYS B 44 3.23 7.62 -4.86
CA LYS B 44 2.22 7.84 -5.92
C LYS B 44 2.41 9.24 -6.53
N GLU B 45 2.68 10.21 -5.67
CA GLU B 45 2.92 11.59 -6.16
C GLU B 45 4.18 11.63 -7.03
N PHE B 46 5.22 10.92 -6.65
CA PHE B 46 6.43 10.88 -7.45
C PHE B 46 6.18 10.26 -8.82
N LEU B 47 5.50 9.10 -8.83
CA LEU B 47 5.18 8.48 -10.10
C LEU B 47 4.34 9.39 -10.99
N MSE B 48 3.32 10.03 -10.43
CA MSE B 48 2.51 10.97 -11.20
C MSE B 48 3.36 12.09 -11.80
O MSE B 48 3.23 12.44 -12.99
CB MSE B 48 1.39 11.54 -10.34
CG MSE B 48 0.37 10.49 -9.94
SE MSE B 48 -0.66 9.82 -11.45
CE MSE B 48 0.11 8.04 -11.63
N ALA B 49 4.27 12.64 -10.99
CA ALA B 49 5.10 13.74 -11.45
C ALA B 49 6.01 13.30 -12.58
N LYS B 50 6.60 12.11 -12.46
CA LYS B 50 7.53 11.62 -13.47
C LYS B 50 6.80 11.23 -14.76
N PHE B 51 5.59 10.73 -14.65
CA PHE B 51 4.78 10.43 -15.86
C PHE B 51 4.43 11.75 -16.56
N GLN B 52 4.16 12.79 -15.77
CA GLN B 52 3.90 14.09 -16.39
C GLN B 52 5.13 14.63 -17.10
N GLU B 53 6.31 14.49 -16.50
CA GLU B 53 7.55 14.90 -17.16
C GLU B 53 7.72 14.16 -18.49
N ALA B 54 7.49 12.85 -18.47
CA ALA B 54 7.57 12.06 -19.70
C ALA B 54 6.54 12.53 -20.72
N ARG B 55 5.33 12.84 -20.29
CA ARG B 55 4.29 13.35 -21.21
C ARG B 55 4.70 14.73 -21.77
N LYS B 56 5.46 15.53 -21.03
CA LYS B 56 5.88 16.85 -21.56
C LYS B 56 6.90 16.73 -22.69
N LEU B 57 8.01 15.99 -22.51
CA LEU B 57 9.02 15.76 -23.58
C LEU B 57 8.38 15.34 -24.90
N VAL B 58 7.12 14.94 -24.88
CA VAL B 58 6.48 14.32 -26.06
C VAL B 58 5.66 15.41 -26.74
N GLU B 59 5.41 16.49 -26.01
CA GLU B 59 4.64 17.60 -26.56
C GLU B 59 5.50 18.27 -27.61
N GLU B 60 4.98 18.39 -28.82
CA GLU B 60 5.73 18.97 -29.97
C GLU B 60 6.44 17.84 -30.72
N SER C 2 15.52 8.74 -52.48
CA SER C 2 16.86 8.45 -51.97
C SER C 2 16.80 7.22 -51.06
N TRP C 3 17.81 6.36 -51.15
CA TRP C 3 17.91 5.21 -50.26
C TRP C 3 17.96 5.67 -48.80
N GLU C 4 18.85 6.61 -48.49
CA GLU C 4 18.98 7.08 -47.10
C GLU C 4 17.72 7.78 -46.64
N LEU C 5 17.00 8.45 -47.54
CA LEU C 5 15.79 9.19 -47.08
C LEU C 5 14.66 8.19 -46.77
N GLN C 6 14.47 7.20 -47.64
CA GLN C 6 13.47 6.13 -47.36
CA GLN C 6 13.47 6.13 -47.36
C GLN C 6 13.71 5.38 -46.03
N ARG C 7 15.00 5.08 -45.81
CA ARG C 7 15.38 4.40 -44.55
C ARG C 7 15.09 5.29 -43.35
N CYS C 8 15.50 6.58 -43.43
N CYS C 8 15.49 6.57 -43.43
CA CYS C 8 15.29 7.53 -42.35
CA CYS C 8 15.29 7.51 -42.34
C CYS C 8 13.81 7.73 -42.07
C CYS C 8 13.81 7.73 -42.06
N ARG C 9 12.99 7.85 -43.11
CA ARG C 9 11.54 8.01 -42.93
C ARG C 9 10.92 6.81 -42.22
N GLU C 10 11.32 5.60 -42.60
CA GLU C 10 10.81 4.42 -41.88
C GLU C 10 11.20 4.46 -40.41
N GLU C 11 12.50 4.70 -40.14
CA GLU C 11 12.95 4.74 -38.76
C GLU C 11 12.21 5.81 -37.94
N ASN C 12 12.00 6.99 -38.53
CA ASN C 12 11.26 8.05 -37.85
C ASN C 12 9.83 7.63 -37.53
N GLN C 13 9.15 6.94 -38.46
CA GLN C 13 7.79 6.48 -38.14
C GLN C 13 7.79 5.45 -37.02
N GLU C 14 8.77 4.56 -36.99
CA GLU C 14 8.84 3.60 -35.89
C GLU C 14 9.13 4.28 -34.57
N LEU C 15 9.98 5.31 -34.58
CA LEU C 15 10.25 6.08 -33.36
C LEU C 15 8.97 6.76 -32.86
N ARG C 16 8.22 7.39 -33.77
CA ARG C 16 6.96 8.02 -33.38
C ARG C 16 5.99 6.98 -32.81
N ASP C 17 5.89 5.80 -33.46
CA ASP C 17 4.99 4.77 -32.96
C ASP C 17 5.42 4.31 -31.59
N ALA C 18 6.72 4.14 -31.37
CA ALA C 18 7.19 3.71 -30.06
C ALA C 18 6.85 4.71 -28.97
N ILE C 19 7.05 6.00 -29.25
CA ILE C 19 6.68 7.03 -28.28
C ILE C 19 5.18 7.00 -28.03
N ARG C 20 4.36 6.91 -29.09
CA ARG C 20 2.91 6.91 -28.90
C ARG C 20 2.44 5.70 -28.08
N GLN C 21 2.96 4.52 -28.42
CA GLN C 21 2.59 3.29 -27.73
C GLN C 21 3.07 3.30 -26.28
N SER C 22 4.29 3.80 -26.05
CA SER C 22 4.80 3.94 -24.66
CA SER C 22 4.80 3.95 -24.66
C SER C 22 3.88 4.92 -23.83
N ASN C 23 3.46 6.11 -24.35
N ASN C 23 3.46 6.11 -24.35
CA ASN C 23 2.54 7.02 -23.67
CA ASN C 23 2.52 7.01 -23.64
C ASN C 23 1.25 6.25 -23.31
C ASN C 23 1.24 6.24 -23.30
N GLN C 24 0.72 5.47 -24.27
CA GLN C 24 -0.54 4.74 -24.01
C GLN C 24 -0.31 3.78 -22.85
N ILE C 25 0.84 3.14 -22.81
CA ILE C 25 1.18 2.26 -21.66
C ILE C 25 1.14 3.08 -20.36
N LEU C 26 1.74 4.25 -20.35
CA LEU C 26 1.75 5.07 -19.14
C LEU C 26 0.33 5.50 -18.75
N ARG C 27 -0.48 5.84 -19.75
CA ARG C 27 -1.89 6.23 -19.49
C ARG C 27 -2.65 5.06 -18.87
N GLU C 28 -2.45 3.86 -19.39
CA GLU C 28 -3.11 2.69 -18.83
C GLU C 28 -2.64 2.44 -17.41
N VAL C 29 -1.35 2.66 -17.13
CA VAL C 29 -0.85 2.50 -15.76
C VAL C 29 -1.58 3.44 -14.81
N SER C 30 -1.68 4.72 -15.20
CA SER C 30 -2.36 5.71 -14.35
C SER C 30 -3.81 5.35 -14.08
N GLU C 31 -4.54 4.92 -15.13
CA GLU C 31 -5.95 4.54 -14.95
C GLU C 31 -6.08 3.33 -14.03
N ARG C 32 -5.24 2.30 -14.25
CA ARG C 32 -5.35 1.12 -13.42
C ARG C 32 -4.99 1.42 -11.96
N LEU C 33 -4.02 2.32 -11.74
CA LEU C 33 -3.69 2.67 -10.35
C LEU C 33 -4.88 3.30 -9.65
N LEU C 34 -5.69 4.09 -10.39
CA LEU C 34 -6.94 4.57 -9.76
C LEU C 34 -7.84 3.42 -9.31
N HIS C 35 -7.91 2.34 -10.11
CA HIS C 35 -8.73 1.20 -9.69
C HIS C 35 -8.17 0.50 -8.46
N PHE C 36 -6.85 0.26 -8.44
CA PHE C 36 -6.22 -0.31 -7.26
C PHE C 36 -6.50 0.56 -6.05
N GLN C 37 -6.48 1.89 -6.23
N GLN C 37 -6.48 1.89 -6.23
CA GLN C 37 -6.73 2.79 -5.11
CA GLN C 37 -6.72 2.78 -5.11
C GLN C 37 -8.16 2.72 -4.62
C GLN C 37 -8.16 2.72 -4.62
N ALA C 38 -9.12 2.56 -5.53
CA ALA C 38 -10.53 2.40 -5.12
C ALA C 38 -10.69 1.13 -4.26
N SER C 39 -10.06 0.04 -4.70
N SER C 39 -10.08 0.04 -4.70
CA SER C 39 -10.14 -1.21 -3.93
CA SER C 39 -10.15 -1.19 -3.92
C SER C 39 -9.45 -1.05 -2.56
C SER C 39 -9.45 -1.05 -2.57
N GLN C 40 -8.30 -0.38 -2.55
CA GLN C 40 -7.59 -0.18 -1.29
C GLN C 40 -8.35 0.76 -0.35
N ARG C 41 -9.19 1.60 -0.89
CA ARG C 41 -10.04 2.47 -0.03
C ARG C 41 -11.03 1.58 0.69
N GLU C 42 -11.62 0.61 0.00
CA GLU C 42 -12.46 -0.37 0.69
C GLU C 42 -11.70 -1.09 1.79
N GLU C 43 -10.45 -1.52 1.57
CA GLU C 43 -9.63 -2.17 2.65
C GLU C 43 -9.53 -1.22 3.84
N LYS C 44 -9.18 0.06 3.61
N LYS C 44 -9.18 0.05 3.61
CA LYS C 44 -8.98 1.01 4.74
CA LYS C 44 -8.97 1.01 4.73
C LYS C 44 -10.27 1.10 5.56
C LYS C 44 -10.26 1.11 5.55
N GLU C 45 -11.39 1.06 4.87
CA GLU C 45 -12.77 1.09 5.48
C GLU C 45 -12.99 -0.14 6.38
N PHE C 46 -12.65 -1.33 5.93
CA PHE C 46 -12.78 -2.51 6.81
C PHE C 46 -11.88 -2.27 8.03
N LEU C 47 -10.68 -1.78 7.81
CA LEU C 47 -9.72 -1.60 8.93
C LEU C 47 -10.23 -0.54 9.90
N MSE C 48 -10.59 0.61 9.37
CA MSE C 48 -11.11 1.72 10.20
C MSE C 48 -12.34 1.26 11.02
O MSE C 48 -12.42 1.62 12.19
CB MSE C 48 -11.44 2.91 9.30
CG MSE C 48 -10.27 3.81 8.96
SE MSE C 48 -10.78 5.30 7.75
CE MSE C 48 -10.52 7.01 8.68
N ALA C 49 -13.25 0.47 10.43
CA ALA C 49 -14.38 0.00 11.19
C ALA C 49 -13.92 -0.82 12.40
N LYS C 50 -12.92 -1.69 12.20
CA LYS C 50 -12.40 -2.47 13.32
C LYS C 50 -11.75 -1.59 14.39
N PHE C 51 -10.91 -0.63 13.98
CA PHE C 51 -10.23 0.21 14.98
C PHE C 51 -11.24 1.03 15.78
N GLN C 52 -12.36 1.43 15.14
CA GLN C 52 -13.41 2.13 15.88
C GLN C 52 -14.14 1.21 16.85
N GLU C 53 -14.39 -0.04 16.43
N GLU C 53 -14.39 -0.04 16.44
CA GLU C 53 -14.95 -1.01 17.36
CA GLU C 53 -14.95 -1.02 17.37
C GLU C 53 -14.06 -1.22 18.58
C GLU C 53 -14.05 -1.19 18.59
N ALA C 54 -12.74 -1.31 18.36
CA ALA C 54 -11.79 -1.47 19.48
C ALA C 54 -11.80 -0.26 20.41
N ARG C 55 -11.80 0.93 19.84
CA ARG C 55 -11.85 2.16 20.65
C ARG C 55 -13.13 2.19 21.50
N LYS C 56 -14.25 1.84 20.89
CA LYS C 56 -15.52 1.86 21.65
C LYS C 56 -15.41 0.85 22.79
N LEU C 57 -14.86 -0.34 22.54
CA LEU C 57 -14.72 -1.37 23.58
C LEU C 57 -14.00 -0.77 24.78
N VAL C 58 -12.87 -0.11 24.57
CA VAL C 58 -12.12 0.34 25.75
C VAL C 58 -12.80 1.53 26.42
N GLU C 59 -13.33 2.46 25.63
CA GLU C 59 -14.06 3.62 26.21
C GLU C 59 -15.18 3.09 27.10
N GLU C 60 -15.95 2.14 26.60
CA GLU C 60 -17.09 1.63 27.35
C GLU C 60 -16.67 0.93 28.62
N LEU C 61 -15.54 0.22 28.65
CA LEU C 61 -15.10 -0.55 29.84
C LEU C 61 -14.53 0.43 30.87
N GLY C 62 -14.53 1.71 30.52
CA GLY C 62 -14.04 2.73 31.46
C GLY C 62 -12.52 2.73 31.50
N LEU C 63 -11.88 2.20 30.46
CA LEU C 63 -10.40 2.04 30.47
C LEU C 63 -9.69 3.15 29.72
N VAL C 64 -10.42 4.17 29.28
CA VAL C 64 -9.80 5.28 28.47
C VAL C 64 -9.07 6.25 29.40
N GLY D 1 -23.31 -11.44 50.75
CA GLY D 1 -23.08 -10.79 49.47
C GLY D 1 -23.28 -9.31 49.64
N SER D 2 -22.82 -8.52 48.67
CA SER D 2 -22.96 -7.08 48.78
C SER D 2 -23.17 -6.51 47.40
N TRP D 3 -23.66 -5.27 47.36
CA TRP D 3 -23.83 -4.61 46.08
C TRP D 3 -22.50 -4.45 45.37
N GLU D 4 -21.43 -4.17 46.14
CA GLU D 4 -20.12 -3.95 45.53
C GLU D 4 -19.55 -5.24 44.98
N LEU D 5 -19.76 -6.37 45.67
CA LEU D 5 -19.33 -7.66 45.12
C LEU D 5 -20.09 -8.02 43.83
N GLN D 6 -21.40 -7.77 43.80
N GLN D 6 -21.41 -7.77 43.80
CA GLN D 6 -22.17 -8.00 42.54
CA GLN D 6 -22.15 -7.99 42.57
C GLN D 6 -21.63 -7.11 41.42
C GLN D 6 -21.64 -7.12 41.43
N ARG D 7 -21.26 -5.89 41.67
CA ARG D 7 -20.69 -5.07 40.59
C ARG D 7 -19.40 -5.71 40.10
N CYS D 8 -18.51 -6.05 41.04
N CYS D 8 -18.52 -6.07 41.05
CA CYS D 8 -17.25 -6.66 40.69
CA CYS D 8 -17.24 -6.68 40.68
C CYS D 8 -17.46 -7.89 39.81
C CYS D 8 -17.44 -7.90 39.82
N ARG D 9 -18.42 -8.74 40.17
CA ARG D 9 -18.67 -9.94 39.37
C ARG D 9 -19.21 -9.59 37.99
N GLU D 10 -20.07 -8.59 37.92
CA GLU D 10 -20.56 -8.15 36.60
C GLU D 10 -19.45 -7.55 35.77
N GLU D 11 -18.58 -6.74 36.40
CA GLU D 11 -17.38 -6.25 35.73
C GLU D 11 -16.51 -7.39 35.24
N ASN D 12 -16.37 -8.44 36.05
CA ASN D 12 -15.53 -9.57 35.65
C ASN D 12 -16.07 -10.22 34.38
N GLN D 13 -17.39 -10.44 34.35
CA GLN D 13 -18.02 -11.02 33.16
C GLN D 13 -17.86 -10.11 31.93
N GLU D 14 -18.04 -8.80 32.10
CA GLU D 14 -17.87 -7.91 30.96
C GLU D 14 -16.43 -7.85 30.47
N LEU D 15 -15.45 -7.99 31.36
CA LEU D 15 -14.04 -7.99 30.93
C LEU D 15 -13.71 -9.29 30.19
N ARG D 16 -14.28 -10.38 30.65
CA ARG D 16 -14.06 -11.66 29.94
C ARG D 16 -14.64 -11.55 28.52
N ASP D 17 -15.86 -11.05 28.40
CA ASP D 17 -16.45 -10.85 27.08
C ASP D 17 -15.61 -9.88 26.25
N ALA D 18 -15.06 -8.84 26.88
CA ALA D 18 -14.26 -7.85 26.16
C ALA D 18 -12.98 -8.46 25.63
N ILE D 19 -12.37 -9.36 26.40
CA ILE D 19 -11.17 -10.05 25.92
C ILE D 19 -11.50 -10.89 24.69
N ARG D 20 -12.61 -11.60 24.72
CA ARG D 20 -13.01 -12.41 23.53
C ARG D 20 -13.26 -11.48 22.34
N GLN D 21 -13.90 -10.34 22.55
CA GLN D 21 -14.12 -9.37 21.45
C GLN D 21 -12.80 -8.79 20.93
N SER D 22 -11.89 -8.42 21.84
CA SER D 22 -10.61 -7.88 21.41
C SER D 22 -9.85 -8.89 20.56
N ASN D 23 -9.88 -10.17 20.98
CA ASN D 23 -9.22 -11.21 20.19
C ASN D 23 -9.84 -11.30 18.80
N GLN D 24 -11.14 -11.17 18.71
CA GLN D 24 -11.80 -11.23 17.42
C GLN D 24 -11.35 -10.07 16.56
N ILE D 25 -11.28 -8.88 17.15
CA ILE D 25 -10.88 -7.70 16.39
C ILE D 25 -9.46 -7.87 15.87
N LEU D 26 -8.54 -8.27 16.74
CA LEU D 26 -7.16 -8.55 16.32
C LEU D 26 -7.12 -9.52 15.15
N ARG D 27 -7.88 -10.61 15.25
CA ARG D 27 -7.90 -11.62 14.16
C ARG D 27 -8.40 -11.00 12.85
N GLU D 28 -9.49 -10.26 12.91
CA GLU D 28 -10.04 -9.66 11.67
C GLU D 28 -9.08 -8.64 11.08
N VAL D 29 -8.39 -7.88 11.92
CA VAL D 29 -7.43 -6.92 11.40
C VAL D 29 -6.28 -7.64 10.73
N SER D 30 -5.80 -8.71 11.35
CA SER D 30 -4.75 -9.52 10.74
C SER D 30 -5.19 -10.04 9.37
N GLU D 31 -6.37 -10.62 9.29
CA GLU D 31 -6.88 -11.14 8.01
C GLU D 31 -6.98 -10.05 6.94
N ARG D 32 -7.48 -8.89 7.32
N ARG D 32 -7.48 -8.89 7.32
CA ARG D 32 -7.61 -7.78 6.34
CA ARG D 32 -7.63 -7.78 6.35
C ARG D 32 -6.25 -7.32 5.84
C ARG D 32 -6.25 -7.32 5.83
N LEU D 33 -5.28 -7.21 6.72
CA LEU D 33 -3.92 -6.82 6.28
C LEU D 33 -3.32 -7.89 5.34
N LEU D 34 -3.60 -9.15 5.63
CA LEU D 34 -3.14 -10.14 4.66
CA LEU D 34 -3.14 -10.14 4.66
C LEU D 34 -3.78 -9.90 3.29
N HIS D 35 -5.09 -9.59 3.27
CA HIS D 35 -5.76 -9.29 2.00
C HIS D 35 -5.18 -8.02 1.34
N PHE D 36 -4.98 -6.98 2.11
CA PHE D 36 -4.38 -5.71 1.61
C PHE D 36 -3.00 -5.97 1.04
N GLN D 37 -2.20 -6.76 1.74
CA GLN D 37 -0.90 -7.14 1.23
C GLN D 37 -1.00 -7.83 -0.13
N ALA D 38 -1.95 -8.75 -0.26
CA ALA D 38 -2.15 -9.44 -1.55
C ALA D 38 -2.55 -8.45 -2.64
N SER D 39 -3.40 -7.47 -2.30
CA SER D 39 -3.76 -6.43 -3.25
C SER D 39 -2.53 -5.63 -3.71
N GLN D 40 -1.73 -5.14 -2.75
CA GLN D 40 -0.51 -4.41 -3.08
C GLN D 40 0.45 -5.24 -3.94
N ARG D 41 0.51 -6.54 -3.65
CA ARG D 41 1.38 -7.44 -4.44
C ARG D 41 0.89 -7.42 -5.89
N GLU D 42 -0.42 -7.60 -6.11
CA GLU D 42 -0.96 -7.55 -7.47
C GLU D 42 -0.65 -6.22 -8.16
N GLU D 43 -0.77 -5.12 -7.42
CA GLU D 43 -0.46 -3.79 -7.99
C GLU D 43 1.03 -3.73 -8.42
N LYS D 44 1.91 -4.29 -7.59
CA LYS D 44 3.32 -4.30 -7.92
C LYS D 44 3.60 -5.16 -9.15
N GLU D 45 2.98 -6.33 -9.22
CA GLU D 45 3.18 -7.21 -10.37
C GLU D 45 2.66 -6.55 -11.64
N PHE D 46 1.51 -5.88 -11.56
CA PHE D 46 1.00 -5.12 -12.71
C PHE D 46 2.01 -4.05 -13.16
N LEU D 47 2.56 -3.26 -12.23
CA LEU D 47 3.48 -2.18 -12.62
C LEU D 47 4.72 -2.78 -13.28
N MSE D 48 5.23 -3.86 -12.74
CA MSE D 48 6.40 -4.54 -13.34
C MSE D 48 6.06 -4.96 -14.77
O MSE D 48 6.92 -4.79 -15.63
CB MSE D 48 6.67 -5.84 -12.57
CG MSE D 48 7.37 -5.65 -11.23
SE MSE D 48 7.55 -7.34 -10.23
CE MSE D 48 8.25 -6.87 -8.45
N ALA D 49 4.89 -5.54 -14.95
CA ALA D 49 4.51 -6.01 -16.28
C ALA D 49 4.42 -4.86 -17.29
N LYS D 50 3.90 -3.72 -16.86
CA LYS D 50 3.72 -2.58 -17.80
C LYS D 50 5.08 -1.95 -18.13
N PHE D 51 5.92 -1.76 -17.13
CA PHE D 51 7.32 -1.29 -17.38
CA PHE D 51 7.32 -1.29 -17.39
C PHE D 51 8.14 -2.21 -18.36
N GLN D 52 7.90 -3.49 -18.16
CA GLN D 52 8.50 -4.47 -19.11
C GLN D 52 7.93 -4.29 -20.53
N GLU D 53 6.62 -4.13 -20.65
CA GLU D 53 6.07 -3.85 -21.98
C GLU D 53 6.76 -2.65 -22.62
N ALA D 54 6.93 -1.56 -21.88
CA ALA D 54 7.52 -0.32 -22.42
C ALA D 54 8.98 -0.55 -22.85
N ARG D 55 9.73 -1.25 -22.01
CA ARG D 55 11.14 -1.53 -22.33
C ARG D 55 11.23 -2.35 -23.63
N LYS D 56 10.34 -3.31 -23.78
CA LYS D 56 10.39 -4.20 -24.98
C LYS D 56 10.03 -3.40 -26.25
N LEU D 57 9.14 -2.42 -26.12
CA LEU D 57 8.79 -1.56 -27.28
C LEU D 57 10.05 -0.84 -27.75
N VAL D 58 10.82 -0.31 -26.81
CA VAL D 58 12.06 0.42 -27.16
C VAL D 58 13.11 -0.55 -27.70
N GLU D 59 13.30 -1.68 -27.05
CA GLU D 59 14.27 -2.69 -27.54
C GLU D 59 13.95 -3.10 -28.97
N GLU D 60 12.67 -3.21 -29.32
CA GLU D 60 12.29 -3.66 -30.65
C GLU D 60 12.59 -2.65 -31.75
N LEU D 61 13.00 -1.44 -31.42
CA LEU D 61 13.45 -0.48 -32.47
C LEU D 61 14.79 -0.96 -33.03
N GLY D 62 15.60 -1.56 -32.17
CA GLY D 62 16.91 -2.10 -32.58
C GLY D 62 17.99 -1.04 -32.69
N LEU D 63 17.87 0.08 -31.97
CA LEU D 63 18.84 1.21 -32.11
C LEU D 63 19.80 1.39 -30.92
TB TB E . 14.33 -8.18 8.12
C02 9JE F . -5.67 -13.10 17.44
C03 9JE F . -4.27 -12.55 17.41
C04 9JE F . -3.49 -13.06 16.22
C05 9JE F . -4.05 -12.64 14.87
C06 9JE F . -3.60 -13.57 13.78
O01 9JE F . -6.31 -12.58 18.60
O07 9JE F . -2.26 -13.27 13.46
C02 9JE G . 6.74 -1.83 -7.17
C03 9JE G . 6.67 -2.06 -8.67
C04 9JE G . 8.06 -2.35 -9.24
C05 9JE G . 8.16 -2.08 -10.73
C06 9JE G . 9.46 -2.59 -11.31
O01 9JE G . 7.41 -2.91 -6.56
O07 9JE G . 9.58 -2.14 -12.65
C1 BTB H . 17.12 -11.57 9.68
O1 BTB H . 16.61 -12.87 9.54
C2 BTB H . 16.04 -10.51 9.37
C3 BTB H . 14.62 -11.15 9.44
O3 BTB H . 13.69 -10.28 8.90
C4 BTB H . 16.13 -9.47 10.50
O4 BTB H . 15.28 -8.37 10.22
N BTB H . 16.24 -9.86 8.03
C5 BTB H . 16.00 -10.84 6.94
C6 BTB H . 15.45 -10.14 5.68
O6 BTB H . 14.31 -9.37 6.00
C7 BTB H . 17.63 -9.45 7.91
C8 BTB H . 17.77 -7.92 7.83
O8 BTB H . 16.52 -7.37 7.51
N PRO I . 12.41 -7.03 11.99
CA PRO I . 12.25 -8.23 12.84
C PRO I . 12.28 -9.56 12.06
O PRO I . 11.55 -9.77 11.09
CB PRO I . 10.89 -8.03 13.49
CG PRO I . 10.44 -6.59 13.16
CD PRO I . 11.62 -5.90 12.52
OXT PRO I . 13.00 -10.49 12.42
Y YT3 J . 4.33 15.24 -0.94
C02 9JE K . -6.10 3.46 9.36
C03 9JE K . -5.74 2.41 8.32
C04 9JE K . -5.06 3.02 7.10
C05 9JE K . -4.92 2.02 5.96
C06 9JE K . -3.86 2.41 4.95
O01 9JE K . -5.31 3.27 10.52
O07 9JE K . -2.59 1.92 5.36
O2 PG4 L . 4.66 -6.17 27.73
C3 PG4 L . 3.75 -5.68 26.77
C4 PG4 L . 3.24 -4.29 27.29
O3 PG4 L . 1.90 -4.14 26.78
C5 PG4 L . 1.19 -2.94 27.18
C6 PG4 L . 1.39 -2.72 28.67
O4 PG4 L . 0.23 -3.27 29.27
C7 PG4 L . -0.29 -2.51 30.31
C8 PG4 L . -0.03 -3.23 31.61
O5 PG4 L . -0.66 -4.46 31.41
C02 9JE M . -8.40 1.94 20.02
C03 9JE M . -7.41 1.13 19.23
C04 9JE M . -7.39 1.59 17.78
C05 9JE M . -7.46 3.12 17.67
C06 9JE M . -6.72 3.65 16.48
O01 9JE M . -7.81 2.33 21.24
O07 9JE M . -5.90 4.73 16.90
N PRO N . -14.57 -14.96 38.54
CA PRO N . -14.14 -13.94 39.50
C PRO N . -13.33 -14.52 40.65
O PRO N . -12.65 -15.53 40.49
CB PRO N . -15.47 -13.41 40.04
CG PRO N . -16.39 -13.56 38.89
CD PRO N . -16.02 -14.90 38.31
OXT PRO N . -13.36 -14.04 41.77
TB TB O . -12.83 -12.87 9.03
TB TB P . -25.44 -4.07 35.98
ER ER3 Q . -23.36 -1.92 33.88
Y YT3 R . -0.84 -12.24 -9.26
C02 9JE S . 11.65 -2.00 -16.20
C03 9JE S . 12.46 -1.01 -17.03
C04 9JE S . 12.11 0.43 -16.69
C05 9JE S . 12.38 1.35 -17.87
C06 9JE S . 11.61 0.93 -19.10
O01 9JE S . 11.74 -3.28 -16.78
O07 9JE S . 12.02 1.67 -20.22
O1 PG4 T . -0.74 -10.68 10.33
C1 PG4 T . -0.87 -9.68 9.35
C2 PG4 T . 0.60 -9.33 8.97
O2 PG4 T . 0.54 -8.11 8.30
C3 PG4 T . 1.57 -7.92 7.35
C4 PG4 T . 0.83 -7.62 6.01
O3 PG4 T . 1.11 -6.27 5.69
C5 PG4 T . 0.16 -5.67 4.81
C6 PG4 T . -0.18 -4.28 5.40
O4 PG4 T . 0.82 -3.41 4.90
C7 PG4 T . 0.54 -2.07 5.15
C8 PG4 T . 0.33 -1.42 3.76
O5 PG4 T . -1.00 -1.69 3.47
C1 BTB U . -20.34 -2.06 37.57
O1 BTB U . -19.13 -1.42 37.20
C2 BTB U . -21.27 -2.18 36.35
C3 BTB U . -20.64 -3.19 35.33
O3 BTB U . -21.30 -3.25 34.07
C4 BTB U . -22.49 -2.82 36.96
O4 BTB U . -23.53 -2.97 36.09
N BTB U . -21.62 -0.88 35.68
C5 BTB U . -20.55 -0.27 34.85
C6 BTB U . -21.14 0.52 33.67
O6 BTB U . -21.67 -0.37 32.71
C7 BTB U . -22.27 0.06 36.61
C8 BTB U . -23.78 0.33 36.38
O8 BTB U . -24.26 0.09 35.08
C1 BTB V . -28.12 -4.94 32.22
O1 BTB V . -27.46 -4.98 30.99
C2 BTB V . -27.00 -4.75 33.25
C3 BTB V . -26.09 -6.02 33.30
O3 BTB V . -25.12 -5.97 34.31
C4 BTB V . -26.16 -3.55 32.79
O4 BTB V . -25.45 -3.15 33.90
N BTB V . -27.56 -4.48 34.59
C5 BTB V . -28.31 -5.65 35.03
C6 BTB V . -28.24 -5.92 36.53
O6 BTB V . -27.00 -5.60 37.11
C7 BTB V . -28.34 -3.26 34.58
C8 BTB V . -27.94 -2.25 35.71
O8 BTB V . -26.78 -2.49 36.47
C1 BTB W . -16.85 -15.28 8.22
O1 BTB W . -16.88 -15.85 6.94
C2 BTB W . -15.73 -14.26 8.44
C3 BTB W . -15.74 -13.32 7.21
O3 BTB W . -14.60 -12.52 7.29
C4 BTB W . -16.12 -13.41 9.66
O4 BTB W . -15.01 -12.71 10.16
N BTB W . -14.43 -14.97 8.61
C5 BTB W . -13.95 -15.67 7.40
C6 BTB W . -12.83 -14.91 6.67
O6 BTB W . -11.96 -14.38 7.60
C7 BTB W . -14.36 -15.88 9.77
C8 BTB W . -12.93 -15.86 10.36
O8 BTB W . -12.39 -14.56 10.29
C1 BTB X . -3.26 -12.90 -11.12
O1 BTB X . -3.41 -12.62 -9.72
C2 BTB X . -1.85 -13.05 -11.80
C3 BTB X . -1.96 -13.58 -13.25
O3 BTB X . -3.21 -13.26 -13.68
C4 BTB X . -1.27 -11.64 -12.18
O4 BTB X . -1.94 -10.55 -11.51
N BTB X . -0.94 -14.08 -11.09
C5 BTB X . 0.31 -14.45 -11.82
C6 BTB X . 1.66 -14.24 -11.10
O6 BTB X . 1.69 -13.15 -10.21
C7 BTB X . -1.53 -15.18 -10.26
C8 BTB X . -1.25 -15.26 -8.69
O8 BTB X . 0.11 -15.15 -8.35
#